data_5HSW
#
_entry.id   5HSW
#
_cell.length_a   198.200
_cell.length_b   45.900
_cell.length_c   67.600
_cell.angle_alpha   90.00
_cell.angle_beta   90.10
_cell.angle_gamma   90.00
#
_symmetry.space_group_name_H-M   'C 1 2 1'
#
loop_
_entity.id
_entity.type
_entity.pdbx_description
1 polymer 'ORF 37'
2 polymer "RNA (5'-R(P*UP*CP*UP*UP*GP*AP*AP*GP*CP*AP*GP*CP*UP*UP*CP*CP*AP*G)-3')"
3 non-polymer 'ACETATE ION'
4 water water
#
loop_
_entity_poly.entity_id
_entity_poly.type
_entity_poly.pdbx_seq_one_letter_code
_entity_poly.pdbx_strand_id
1 'polypeptide(L)'
;GAMEATPTPADLFSEDYLVDTLDGLTVDDQQAVLASLSFSKFLKHAKVRDWCAQAKIQPSMPALRMAYNYFLFSKVGEFI
GSEDVCNFFVDRVFGGVRLLDVASVYAACSQMNAHQRHHICCLVERATSSQSLNPVWDALRDGIISSSKFHWAVKQQNTS
KKIFSPWPITNNHFVAGPLAFGLRCEEVVKTLLATLLHPDETNCLDYGFMQSPQNGIFGVSLDFAANVKTDTEGRLQFDP
NCKVYSIKCRFKYTFAKMECDPIYAAYQRLYEAPGKLALKDFFYSISKPAVEYVGLGKLPSESDYLVAYDQEWEACPRKK
RKLTPLHNLIRECILHNSTTESDVYVLTDPQDTRGQISIKARFKANLFVNVRHSYFYQVLLQSSIVEEYIGLDSGIPRLG
SPKYYIATGFFRKRGYQDPVNCTIGGDALDPHVEIPTLLIVTPVYFPRGAKHRLLHQAANFWSRSAKDTFPYIKWDFSYL
SANVPHSP
;
A
2 'polyribonucleotide' GAUCUGAGCCAUUGAAGCAAGCUUCCAGAUC B
#
loop_
_chem_comp.id
_chem_comp.type
_chem_comp.name
_chem_comp.formula
A RNA linking ADENOSINE-5'-MONOPHOSPHATE 'C10 H14 N5 O7 P'
ACT non-polymer 'ACETATE ION' 'C2 H3 O2 -1'
C RNA linking CYTIDINE-5'-MONOPHOSPHATE 'C9 H14 N3 O8 P'
G RNA linking GUANOSINE-5'-MONOPHOSPHATE 'C10 H14 N5 O8 P'
U RNA linking URIDINE-5'-MONOPHOSPHATE 'C9 H13 N2 O9 P'
#
# COMPACT_ATOMS: atom_id res chain seq x y z
N THR A 8 -1.76 22.92 20.61
CA THR A 8 -3.04 23.63 20.63
C THR A 8 -4.22 22.71 20.25
N PRO A 9 -5.39 22.79 20.94
CA PRO A 9 -6.52 21.92 20.58
C PRO A 9 -7.14 22.25 19.23
N ALA A 10 -6.80 21.44 18.20
CA ALA A 10 -7.26 21.59 16.83
C ALA A 10 -8.75 21.31 16.66
N ASP A 11 -9.55 22.38 16.45
CA ASP A 11 -10.99 22.32 16.26
C ASP A 11 -11.32 22.41 14.77
N LEU A 12 -11.99 21.37 14.23
CA LEU A 12 -12.41 21.30 12.83
C LEU A 12 -13.72 22.07 12.57
N PHE A 13 -14.39 22.52 13.66
CA PHE A 13 -15.63 23.30 13.64
C PHE A 13 -15.38 24.78 13.95
N SER A 14 -14.09 25.16 14.00
CA SER A 14 -13.60 26.51 14.24
C SER A 14 -13.66 27.34 12.94
N GLU A 15 -13.16 28.59 12.97
CA GLU A 15 -13.12 29.48 11.80
C GLU A 15 -11.75 30.19 11.72
N ASP A 16 -10.71 29.41 11.36
CA ASP A 16 -9.33 29.88 11.23
C ASP A 16 -8.61 29.15 10.11
N ALA A 32 2.15 18.81 12.05
CA ALA A 32 2.23 19.11 13.48
C ALA A 32 0.83 19.10 14.12
N VAL A 33 0.12 20.24 14.08
CA VAL A 33 -1.24 20.38 14.62
C VAL A 33 -2.25 20.03 13.50
N LEU A 34 -1.74 19.89 12.26
CA LEU A 34 -2.53 19.50 11.08
C LEU A 34 -2.83 17.99 11.12
N ALA A 35 -1.94 17.22 11.79
CA ALA A 35 -2.07 15.78 11.99
C ALA A 35 -3.12 15.46 13.08
N SER A 36 -3.39 16.44 13.97
CA SER A 36 -4.35 16.33 15.07
C SER A 36 -5.78 16.76 14.65
N LEU A 37 -6.14 16.50 13.38
CA LEU A 37 -7.45 16.77 12.79
C LEU A 37 -8.05 15.41 12.34
N SER A 38 -7.96 14.43 13.24
CA SER A 38 -8.35 13.04 13.06
C SER A 38 -9.86 12.81 12.97
N PHE A 39 -10.25 11.62 12.46
CA PHE A 39 -11.62 11.15 12.38
C PHE A 39 -12.07 10.76 13.80
N SER A 40 -11.08 10.41 14.65
CA SER A 40 -11.22 10.09 16.07
C SER A 40 -11.52 11.37 16.83
N LYS A 41 -10.78 12.46 16.54
CA LYS A 41 -10.93 13.79 17.14
C LYS A 41 -12.28 14.38 16.77
N PHE A 42 -12.72 14.15 15.50
CA PHE A 42 -14.01 14.58 14.96
C PHE A 42 -15.16 13.88 15.70
N LEU A 43 -15.12 12.53 15.79
CA LEU A 43 -16.12 11.71 16.48
C LEU A 43 -16.16 12.00 18.00
N LYS A 44 -14.99 12.22 18.63
CA LYS A 44 -14.88 12.51 20.07
C LYS A 44 -15.27 13.95 20.44
N HIS A 45 -15.33 14.87 19.45
CA HIS A 45 -15.69 16.28 19.63
C HIS A 45 -17.07 16.45 20.28
N ALA A 46 -17.20 17.46 21.17
CA ALA A 46 -18.41 17.78 21.93
C ALA A 46 -19.67 18.01 21.09
N LYS A 47 -19.53 18.69 19.93
CA LYS A 47 -20.63 18.99 19.00
C LYS A 47 -21.21 17.69 18.40
N VAL A 48 -20.33 16.74 18.06
CA VAL A 48 -20.71 15.43 17.52
C VAL A 48 -21.30 14.59 18.66
N ARG A 49 -20.71 14.69 19.88
CA ARG A 49 -21.17 14.00 21.09
C ARG A 49 -22.60 14.44 21.45
N ASP A 50 -22.90 15.75 21.29
CA ASP A 50 -24.22 16.32 21.55
C ASP A 50 -25.19 15.92 20.43
N TRP A 51 -24.66 15.71 19.19
CA TRP A 51 -25.47 15.29 18.03
C TRP A 51 -25.90 13.84 18.18
N CYS A 52 -24.98 12.94 18.59
CA CYS A 52 -25.24 11.52 18.80
C CYS A 52 -26.15 11.27 20.01
N ALA A 53 -26.22 12.25 20.93
CA ALA A 53 -27.03 12.21 22.15
C ALA A 53 -28.55 12.16 21.87
N GLN A 54 -28.99 12.59 20.67
CA GLN A 54 -30.40 12.56 20.25
C GLN A 54 -30.83 11.11 19.96
N ALA A 55 -32.11 10.80 20.21
CA ALA A 55 -32.70 9.45 20.04
C ALA A 55 -32.78 8.95 18.60
N LYS A 56 -33.17 9.82 17.65
CA LYS A 56 -33.34 9.50 16.23
C LYS A 56 -32.04 9.17 15.50
N ILE A 57 -30.91 9.76 15.97
CA ILE A 57 -29.57 9.65 15.37
C ILE A 57 -28.97 8.24 15.49
N GLN A 58 -28.76 7.61 14.32
CA GLN A 58 -28.14 6.28 14.15
C GLN A 58 -27.08 6.37 13.02
N PRO A 59 -25.84 6.86 13.33
CA PRO A 59 -24.84 7.05 12.27
C PRO A 59 -24.34 5.78 11.59
N SER A 60 -24.37 5.80 10.25
CA SER A 60 -23.95 4.71 9.37
C SER A 60 -22.64 5.04 8.67
N MET A 61 -21.96 4.01 8.17
CA MET A 61 -20.72 4.15 7.42
C MET A 61 -21.00 3.78 5.95
N PRO A 62 -20.41 4.45 4.93
CA PRO A 62 -19.41 5.53 4.99
C PRO A 62 -19.92 6.96 5.22
N ALA A 63 -21.23 7.15 5.45
CA ALA A 63 -21.87 8.47 5.63
C ALA A 63 -21.17 9.38 6.63
N LEU A 64 -20.77 8.87 7.83
CA LEU A 64 -20.09 9.68 8.83
C LEU A 64 -18.67 10.03 8.37
N ARG A 65 -17.97 9.07 7.70
CA ARG A 65 -16.62 9.27 7.15
C ARG A 65 -16.65 10.35 6.07
N MET A 66 -17.65 10.30 5.18
CA MET A 66 -17.86 11.28 4.11
C MET A 66 -18.15 12.66 4.71
N ALA A 67 -18.93 12.70 5.82
CA ALA A 67 -19.25 13.93 6.54
C ALA A 67 -17.94 14.51 7.13
N TYR A 68 -17.13 13.67 7.79
CA TYR A 68 -15.85 14.05 8.37
C TYR A 68 -14.92 14.64 7.31
N ASN A 69 -14.89 14.01 6.12
CA ASN A 69 -14.09 14.41 4.95
C ASN A 69 -14.37 15.85 4.54
N TYR A 70 -15.62 16.34 4.75
CA TYR A 70 -16.00 17.72 4.42
C TYR A 70 -15.33 18.70 5.39
N PHE A 71 -15.53 18.51 6.72
CA PHE A 71 -14.97 19.35 7.78
C PHE A 71 -13.44 19.37 7.77
N LEU A 72 -12.82 18.25 7.36
CA LEU A 72 -11.37 18.12 7.24
C LEU A 72 -10.88 19.01 6.09
N PHE A 73 -11.56 18.98 4.92
CA PHE A 73 -11.17 19.76 3.75
C PHE A 73 -11.70 21.20 3.76
N SER A 74 -12.63 21.54 4.66
CA SER A 74 -13.12 22.93 4.76
C SER A 74 -12.07 23.75 5.50
N LYS A 75 -11.21 23.04 6.27
CA LYS A 75 -10.13 23.59 7.06
C LYS A 75 -8.80 23.46 6.32
N VAL A 76 -8.46 22.25 5.86
CA VAL A 76 -7.18 22.00 5.19
C VAL A 76 -7.19 22.43 3.71
N GLY A 77 -8.32 22.26 3.01
CA GLY A 77 -8.52 22.54 1.59
C GLY A 77 -7.97 23.85 1.06
N GLU A 78 -8.30 24.98 1.74
CA GLU A 78 -7.85 26.32 1.39
C GLU A 78 -6.33 26.45 1.54
N PHE A 79 -5.77 25.85 2.60
CA PHE A 79 -4.35 25.85 2.90
C PHE A 79 -3.55 25.02 1.89
N ILE A 80 -3.94 23.74 1.67
CA ILE A 80 -3.22 22.82 0.76
C ILE A 80 -3.37 23.19 -0.75
N GLY A 81 -3.94 24.36 -1.04
CA GLY A 81 -4.09 24.86 -2.39
C GLY A 81 -5.42 24.58 -3.05
N SER A 82 -5.70 23.29 -3.35
CA SER A 82 -6.93 22.88 -4.02
C SER A 82 -8.14 22.72 -3.09
N GLU A 83 -9.20 23.51 -3.38
CA GLU A 83 -10.47 23.52 -2.65
C GLU A 83 -11.57 22.77 -3.45
N ASP A 84 -11.15 21.78 -4.26
CA ASP A 84 -12.03 20.97 -5.11
C ASP A 84 -12.94 20.01 -4.35
N VAL A 85 -12.49 19.50 -3.19
CA VAL A 85 -13.23 18.55 -2.34
C VAL A 85 -14.51 19.22 -1.81
N CYS A 86 -14.39 20.43 -1.26
CA CYS A 86 -15.53 21.18 -0.73
C CYS A 86 -16.45 21.75 -1.80
N ASN A 87 -15.90 22.11 -2.97
CA ASN A 87 -16.69 22.61 -4.10
C ASN A 87 -17.67 21.53 -4.57
N PHE A 88 -17.22 20.26 -4.64
CA PHE A 88 -18.07 19.13 -5.00
C PHE A 88 -19.12 18.90 -3.90
N PHE A 89 -18.69 18.91 -2.63
CA PHE A 89 -19.57 18.75 -1.45
C PHE A 89 -20.67 19.80 -1.38
N VAL A 90 -20.35 21.06 -1.70
CA VAL A 90 -21.29 22.17 -1.62
C VAL A 90 -22.15 22.30 -2.90
N ASP A 91 -21.50 22.40 -4.08
CA ASP A 91 -22.17 22.59 -5.37
C ASP A 91 -22.84 21.34 -5.97
N ARG A 92 -22.64 20.14 -5.39
CA ARG A 92 -23.25 18.91 -5.93
C ARG A 92 -23.89 18.02 -4.86
N VAL A 93 -23.40 18.07 -3.61
CA VAL A 93 -23.94 17.23 -2.52
C VAL A 93 -24.89 18.05 -1.61
N PHE A 94 -24.61 19.36 -1.44
CA PHE A 94 -25.46 20.23 -0.60
C PHE A 94 -26.38 21.15 -1.44
N GLY A 95 -26.16 21.18 -2.75
CA GLY A 95 -26.94 21.99 -3.69
C GLY A 95 -26.73 23.47 -3.51
N GLY A 96 -25.48 23.91 -3.61
CA GLY A 96 -25.07 25.30 -3.46
C GLY A 96 -24.90 25.81 -2.03
N VAL A 97 -25.58 25.14 -1.06
CA VAL A 97 -25.55 25.51 0.36
C VAL A 97 -24.20 25.12 0.98
N ARG A 98 -23.58 26.04 1.72
CA ARG A 98 -22.30 25.79 2.40
C ARG A 98 -22.59 25.35 3.85
N LEU A 99 -23.19 24.14 4.00
CA LEU A 99 -23.59 23.53 5.28
C LEU A 99 -22.51 23.61 6.36
N LEU A 100 -22.91 24.05 7.56
CA LEU A 100 -22.01 24.30 8.70
C LEU A 100 -22.11 23.32 9.86
N ASP A 101 -23.31 22.79 10.17
CA ASP A 101 -23.48 21.87 11.30
C ASP A 101 -23.42 20.39 10.90
N VAL A 102 -22.95 19.54 11.85
CA VAL A 102 -22.79 18.08 11.76
C VAL A 102 -24.04 17.38 11.21
N ALA A 103 -25.22 17.68 11.80
CA ALA A 103 -26.51 17.09 11.44
C ALA A 103 -26.85 17.22 9.95
N SER A 104 -26.80 18.47 9.42
CA SER A 104 -27.09 18.80 8.02
C SER A 104 -26.09 18.12 7.08
N VAL A 105 -24.79 18.16 7.42
CA VAL A 105 -23.71 17.55 6.65
C VAL A 105 -23.90 16.04 6.60
N TYR A 106 -24.22 15.39 7.74
CA TYR A 106 -24.45 13.94 7.78
C TYR A 106 -25.65 13.56 6.92
N ALA A 107 -26.77 14.30 7.05
CA ALA A 107 -28.00 14.05 6.31
C ALA A 107 -27.78 14.16 4.80
N ALA A 108 -26.98 15.16 4.36
CA ALA A 108 -26.66 15.37 2.95
C ALA A 108 -25.74 14.26 2.44
N CYS A 109 -24.78 13.83 3.29
CA CYS A 109 -23.79 12.81 2.99
C CYS A 109 -24.38 11.41 2.92
N SER A 110 -25.44 11.15 3.70
CA SER A 110 -26.14 9.86 3.72
C SER A 110 -26.96 9.70 2.44
N GLN A 111 -27.34 10.84 1.81
CA GLN A 111 -28.11 10.92 0.57
C GLN A 111 -27.22 10.82 -0.71
N MET A 112 -25.90 10.65 -0.54
CA MET A 112 -24.94 10.54 -1.64
C MET A 112 -25.04 9.19 -2.34
N ASN A 113 -24.98 9.20 -3.68
CA ASN A 113 -24.96 7.95 -4.45
C ASN A 113 -23.50 7.46 -4.53
N ALA A 114 -23.27 6.20 -4.99
CA ALA A 114 -21.92 5.61 -5.08
C ALA A 114 -20.97 6.37 -5.99
N HIS A 115 -21.48 6.92 -7.12
CA HIS A 115 -20.64 7.72 -8.05
C HIS A 115 -20.12 8.97 -7.33
N GLN A 116 -20.97 9.58 -6.47
CA GLN A 116 -20.65 10.78 -5.69
C GLN A 116 -19.63 10.51 -4.59
N ARG A 117 -19.74 9.37 -3.88
CA ARG A 117 -18.80 9.02 -2.81
C ARG A 117 -17.44 8.69 -3.41
N HIS A 118 -17.44 8.00 -4.58
CA HIS A 118 -16.26 7.62 -5.36
C HIS A 118 -15.49 8.86 -5.82
N HIS A 119 -16.22 9.86 -6.38
CA HIS A 119 -15.69 11.14 -6.86
C HIS A 119 -14.98 11.90 -5.75
N ILE A 120 -15.57 11.96 -4.53
CA ILE A 120 -14.96 12.64 -3.37
C ILE A 120 -13.64 11.95 -3.01
N CYS A 121 -13.66 10.61 -2.94
CA CYS A 121 -12.50 9.76 -2.63
C CYS A 121 -11.35 9.96 -3.59
N CYS A 122 -11.63 10.17 -4.88
CA CYS A 122 -10.61 10.44 -5.90
C CYS A 122 -9.99 11.81 -5.70
N LEU A 123 -10.84 12.85 -5.45
CA LEU A 123 -10.40 14.23 -5.20
C LEU A 123 -9.48 14.28 -3.98
N VAL A 124 -9.79 13.48 -2.94
CA VAL A 124 -9.03 13.34 -1.70
C VAL A 124 -7.70 12.70 -2.04
N GLU A 125 -7.71 11.65 -2.88
CA GLU A 125 -6.50 10.95 -3.33
C GLU A 125 -5.58 11.89 -4.10
N ARG A 126 -6.13 12.74 -4.97
CA ARG A 126 -5.33 13.69 -5.72
C ARG A 126 -4.82 14.82 -4.82
N ALA A 127 -5.60 15.18 -3.78
CA ALA A 127 -5.23 16.22 -2.82
C ALA A 127 -4.08 15.76 -1.91
N THR A 128 -4.02 14.45 -1.65
CA THR A 128 -2.98 13.83 -0.82
C THR A 128 -1.97 13.07 -1.70
N SER A 129 -1.80 13.50 -2.98
CA SER A 129 -0.90 12.91 -3.97
C SER A 129 0.60 12.94 -3.60
N SER A 130 0.93 13.51 -2.42
CA SER A 130 2.28 13.57 -1.91
C SER A 130 2.41 12.41 -0.90
N GLN A 131 2.84 11.22 -1.43
CA GLN A 131 3.00 9.91 -0.76
C GLN A 131 2.97 9.94 0.78
N SER A 132 3.91 10.66 1.44
CA SER A 132 3.98 10.75 2.90
C SER A 132 4.68 12.05 3.40
N LEU A 133 4.36 13.21 2.78
CA LEU A 133 4.98 14.48 3.22
C LEU A 133 3.95 15.46 3.81
N ASN A 134 2.65 15.25 3.56
CA ASN A 134 1.61 16.11 4.11
C ASN A 134 1.08 15.60 5.46
N PRO A 135 0.82 16.47 6.47
CA PRO A 135 0.29 15.98 7.75
C PRO A 135 -1.19 15.62 7.68
N VAL A 136 -1.81 15.87 6.51
CA VAL A 136 -3.19 15.56 6.17
C VAL A 136 -3.31 14.03 6.16
N TRP A 137 -2.29 13.36 5.58
CA TRP A 137 -2.12 11.92 5.45
C TRP A 137 -2.19 11.24 6.81
N ASP A 138 -1.64 11.91 7.84
CA ASP A 138 -1.58 11.42 9.22
C ASP A 138 -2.97 11.41 9.85
N ALA A 139 -3.75 12.49 9.64
CA ALA A 139 -5.12 12.63 10.16
C ALA A 139 -6.11 11.74 9.38
N LEU A 140 -5.80 11.45 8.11
CA LEU A 140 -6.58 10.64 7.18
C LEU A 140 -6.49 9.14 7.44
N ARG A 141 -5.28 8.63 7.77
CA ARG A 141 -5.03 7.22 8.05
C ARG A 141 -5.78 6.75 9.29
N ASP A 142 -5.79 7.57 10.36
CA ASP A 142 -6.47 7.29 11.64
C ASP A 142 -7.94 6.97 11.44
N GLY A 143 -8.39 5.88 12.05
CA GLY A 143 -9.76 5.41 11.98
C GLY A 143 -10.08 4.53 10.79
N ILE A 144 -9.06 4.19 9.99
CA ILE A 144 -9.16 3.36 8.80
C ILE A 144 -8.20 2.16 8.86
N ILE A 145 -8.59 1.03 8.26
CA ILE A 145 -7.73 -0.15 8.17
C ILE A 145 -6.90 0.03 6.90
N SER A 146 -5.61 0.36 7.08
CA SER A 146 -4.65 0.58 6.00
C SER A 146 -4.00 -0.73 5.55
N SER A 147 -3.52 -0.79 4.29
CA SER A 147 -2.88 -1.97 3.69
C SER A 147 -1.84 -2.64 4.60
N SER A 148 -0.96 -1.82 5.21
CA SER A 148 0.06 -2.27 6.15
C SER A 148 -0.60 -2.86 7.39
N LYS A 149 -1.53 -2.12 8.01
CA LYS A 149 -2.26 -2.52 9.21
C LYS A 149 -3.27 -3.67 9.00
N PHE A 150 -3.60 -4.04 7.74
CA PHE A 150 -4.60 -5.08 7.40
C PHE A 150 -4.35 -6.45 8.03
N HIS A 151 -3.11 -6.96 7.98
CA HIS A 151 -2.79 -8.27 8.56
C HIS A 151 -3.19 -8.37 10.04
N TRP A 152 -2.83 -7.33 10.84
CA TRP A 152 -3.12 -7.22 12.27
C TRP A 152 -4.62 -7.29 12.55
N ALA A 153 -5.42 -6.58 11.73
CA ALA A 153 -6.88 -6.51 11.81
C ALA A 153 -7.54 -7.85 11.50
N VAL A 154 -6.99 -8.61 10.53
CA VAL A 154 -7.55 -9.92 10.17
C VAL A 154 -7.18 -10.98 11.22
N LYS A 155 -6.05 -10.79 11.94
CA LYS A 155 -5.58 -11.67 13.02
C LYS A 155 -6.43 -11.45 14.29
N GLN A 156 -7.13 -10.28 14.36
CA GLN A 156 -7.98 -9.80 15.47
C GLN A 156 -7.14 -9.55 16.74
N GLN A 157 -6.04 -8.78 16.59
CA GLN A 157 -5.10 -8.46 17.66
C GLN A 157 -4.97 -6.95 17.91
N ASN A 158 -4.71 -6.58 19.19
CA ASN A 158 -4.53 -5.20 19.64
C ASN A 158 -3.06 -4.91 19.94
N LYS A 162 -4.05 0.79 18.19
CA LYS A 162 -5.45 0.62 17.81
C LYS A 162 -5.76 1.35 16.49
N ILE A 163 -6.99 1.14 15.95
CA ILE A 163 -7.48 1.75 14.71
C ILE A 163 -7.69 3.26 14.95
N PHE A 164 -8.32 3.59 16.09
CA PHE A 164 -8.60 4.96 16.53
C PHE A 164 -7.59 5.30 17.63
N SER A 165 -6.68 6.26 17.34
CA SER A 165 -5.63 6.68 18.27
C SER A 165 -5.83 8.13 18.79
N PRO A 166 -6.66 8.35 19.84
CA PRO A 166 -6.86 9.72 20.34
C PRO A 166 -5.87 10.08 21.45
N PRO A 178 12.57 6.36 9.82
CA PRO A 178 11.56 7.26 9.25
C PRO A 178 11.52 7.22 7.72
N LEU A 179 12.53 7.82 7.07
CA LEU A 179 12.70 7.86 5.61
C LEU A 179 13.77 6.83 5.23
N ALA A 180 14.24 6.04 6.22
CA ALA A 180 15.23 4.98 6.08
C ALA A 180 14.73 3.85 5.15
N PHE A 181 13.49 4.02 4.61
CA PHE A 181 12.85 3.12 3.67
C PHE A 181 12.38 3.87 2.42
N GLY A 182 11.94 5.12 2.59
CA GLY A 182 11.47 5.96 1.50
C GLY A 182 12.57 6.26 0.50
N LEU A 183 13.61 6.97 0.96
CA LEU A 183 14.76 7.34 0.14
C LEU A 183 15.62 6.12 -0.16
N ARG A 184 16.08 5.42 0.92
CA ARG A 184 16.98 4.25 0.89
C ARG A 184 16.45 3.03 0.13
N CYS A 185 15.13 2.87 -0.02
CA CYS A 185 14.58 1.71 -0.73
C CYS A 185 13.55 2.06 -1.80
N GLU A 186 12.35 2.53 -1.39
CA GLU A 186 11.22 2.85 -2.27
C GLU A 186 11.64 3.61 -3.51
N GLU A 187 12.28 4.78 -3.34
CA GLU A 187 12.76 5.63 -4.44
C GLU A 187 13.60 4.86 -5.47
N VAL A 188 14.64 4.13 -5.00
CA VAL A 188 15.60 3.35 -5.79
C VAL A 188 14.92 2.27 -6.63
N VAL A 189 14.06 1.47 -5.99
CA VAL A 189 13.34 0.38 -6.62
C VAL A 189 12.26 0.94 -7.56
N LYS A 190 11.66 2.09 -7.22
CA LYS A 190 10.63 2.74 -8.03
C LYS A 190 11.26 3.20 -9.35
N THR A 191 12.43 3.87 -9.27
CA THR A 191 13.22 4.37 -10.41
C THR A 191 13.66 3.19 -11.27
N LEU A 192 14.03 2.06 -10.62
CA LEU A 192 14.43 0.83 -11.27
C LEU A 192 13.28 0.31 -12.14
N LEU A 193 12.05 0.24 -11.58
CA LEU A 193 10.84 -0.19 -12.29
C LEU A 193 10.46 0.81 -13.40
N ALA A 194 10.53 2.12 -13.08
CA ALA A 194 10.17 3.21 -13.98
C ALA A 194 11.05 3.34 -15.20
N THR A 195 12.36 3.10 -15.06
CA THR A 195 13.28 3.29 -16.17
C THR A 195 13.78 1.99 -16.80
N LEU A 196 13.61 0.83 -16.13
CA LEU A 196 14.12 -0.44 -16.67
C LEU A 196 13.02 -1.43 -17.07
N LEU A 197 11.93 -1.51 -16.30
CA LEU A 197 10.83 -2.41 -16.61
C LEU A 197 9.72 -1.81 -17.45
N HIS A 198 9.35 -0.53 -17.18
CA HIS A 198 8.29 0.15 -17.94
C HIS A 198 8.72 1.56 -18.44
N PRO A 199 9.86 1.72 -19.17
CA PRO A 199 10.24 3.06 -19.63
C PRO A 199 9.51 3.54 -20.89
N ASP A 200 8.62 2.69 -21.43
CA ASP A 200 7.82 2.97 -22.62
C ASP A 200 6.40 3.42 -22.26
N GLU A 201 5.79 2.75 -21.28
CA GLU A 201 4.43 3.05 -20.80
C GLU A 201 4.41 4.27 -19.89
N THR A 202 3.26 4.97 -19.86
CA THR A 202 3.07 6.12 -18.98
C THR A 202 2.76 5.57 -17.59
N ASN A 203 3.54 5.97 -16.60
CA ASN A 203 3.43 5.47 -15.23
C ASN A 203 3.17 6.57 -14.20
N CYS A 204 2.76 6.18 -12.98
CA CYS A 204 2.50 7.10 -11.87
C CYS A 204 3.25 6.65 -10.62
N LEU A 205 4.24 7.46 -10.21
CA LEU A 205 5.10 7.20 -9.05
C LEU A 205 4.38 7.48 -7.73
N ASP A 206 3.80 8.69 -7.58
CA ASP A 206 3.12 9.12 -6.37
C ASP A 206 1.60 9.10 -6.46
N TYR A 207 0.98 8.27 -5.60
CA TYR A 207 -0.46 8.10 -5.44
C TYR A 207 -0.89 8.64 -4.09
N GLY A 208 -2.11 9.15 -4.03
CA GLY A 208 -2.67 9.67 -2.79
C GLY A 208 -3.24 8.59 -1.90
N PHE A 209 -4.11 9.00 -0.97
CA PHE A 209 -4.75 8.09 -0.03
C PHE A 209 -6.11 7.69 -0.59
N MET A 210 -6.29 6.38 -0.85
CA MET A 210 -7.55 5.86 -1.40
C MET A 210 -8.47 5.24 -0.35
N GLN A 211 -9.39 6.06 0.18
CA GLN A 211 -10.38 5.61 1.16
C GLN A 211 -11.44 4.83 0.40
N SER A 212 -12.01 3.80 1.03
CA SER A 212 -13.05 2.98 0.41
C SER A 212 -14.38 3.75 0.31
N PRO A 213 -14.88 4.06 -0.91
CA PRO A 213 -16.15 4.80 -1.03
C PRO A 213 -17.36 3.98 -0.60
N GLN A 214 -17.22 2.63 -0.55
CA GLN A 214 -18.28 1.70 -0.19
C GLN A 214 -18.44 1.50 1.32
N ASN A 215 -17.37 1.66 2.10
CA ASN A 215 -17.44 1.45 3.55
C ASN A 215 -16.82 2.56 4.40
N GLY A 216 -15.69 3.13 3.95
CA GLY A 216 -14.97 4.17 4.67
C GLY A 216 -14.22 3.66 5.88
N ILE A 217 -14.03 2.32 5.97
CA ILE A 217 -13.35 1.64 7.07
C ILE A 217 -11.99 1.07 6.61
N PHE A 218 -11.73 1.17 5.29
CA PHE A 218 -10.50 0.75 4.62
C PHE A 218 -9.92 1.90 3.80
N GLY A 219 -8.59 1.95 3.74
CA GLY A 219 -7.86 2.97 3.02
C GLY A 219 -6.45 2.52 2.68
N VAL A 220 -6.07 2.59 1.41
CA VAL A 220 -4.73 2.19 0.97
C VAL A 220 -3.98 3.34 0.28
N SER A 221 -2.75 3.04 -0.14
CA SER A 221 -1.88 3.89 -0.93
C SER A 221 -1.10 2.95 -1.85
N LEU A 222 -0.87 3.37 -3.09
CA LEU A 222 -0.12 2.53 -4.03
C LEU A 222 1.32 3.00 -4.18
N ASP A 223 2.27 2.07 -3.99
CA ASP A 223 3.71 2.31 -4.08
C ASP A 223 4.09 2.78 -5.49
N PHE A 224 3.56 2.10 -6.52
CA PHE A 224 3.77 2.41 -7.95
C PHE A 224 2.74 1.63 -8.78
N ALA A 225 2.34 2.20 -9.91
CA ALA A 225 1.46 1.54 -10.89
C ALA A 225 1.90 1.95 -12.28
N ALA A 226 2.04 0.96 -13.17
CA ALA A 226 2.52 1.20 -14.54
C ALA A 226 1.43 0.95 -15.57
N ASN A 227 1.57 1.62 -16.75
CA ASN A 227 0.65 1.55 -17.89
C ASN A 227 -0.78 2.04 -17.49
N VAL A 228 -0.85 3.30 -17.00
CA VAL A 228 -2.08 3.97 -16.55
C VAL A 228 -2.57 5.02 -17.55
N LYS A 229 -3.89 5.33 -17.51
CA LYS A 229 -4.51 6.31 -18.40
C LYS A 229 -5.03 7.53 -17.61
N THR A 230 -5.13 8.71 -18.28
CA THR A 230 -5.62 9.96 -17.67
C THR A 230 -6.75 10.60 -18.48
N ASP A 231 -7.89 10.85 -17.82
CA ASP A 231 -9.11 11.45 -18.40
C ASP A 231 -8.99 12.93 -18.80
N THR A 232 -9.88 13.40 -19.71
CA THR A 232 -9.98 14.76 -20.28
C THR A 232 -8.67 15.33 -20.80
N GLY A 234 -9.44 15.86 -15.99
CA GLY A 234 -10.12 14.61 -15.69
C GLY A 234 -9.37 13.65 -14.77
N ARG A 235 -8.08 13.96 -14.48
CA ARG A 235 -7.15 13.21 -13.60
C ARG A 235 -6.89 11.74 -14.05
N LEU A 236 -6.26 10.93 -13.18
CA LEU A 236 -5.91 9.52 -13.44
C LEU A 236 -7.10 8.56 -13.28
N GLN A 237 -7.03 7.39 -13.96
CA GLN A 237 -8.05 6.33 -13.96
C GLN A 237 -7.39 4.96 -14.06
N PHE A 238 -7.87 3.99 -13.27
CA PHE A 238 -7.31 2.63 -13.27
C PHE A 238 -7.89 1.74 -14.38
N ASP A 239 -7.00 1.18 -15.22
CA ASP A 239 -7.40 0.30 -16.32
C ASP A 239 -7.03 -1.16 -16.03
N PRO A 240 -7.96 -2.11 -16.30
CA PRO A 240 -7.66 -3.54 -16.02
C PRO A 240 -6.48 -4.14 -16.80
N ASN A 241 -5.83 -3.34 -17.66
CA ASN A 241 -4.65 -3.75 -18.44
C ASN A 241 -3.33 -3.18 -17.83
N CYS A 242 -3.36 -2.82 -16.54
CA CYS A 242 -2.22 -2.23 -15.81
C CYS A 242 -1.60 -3.19 -14.78
N LYS A 243 -0.41 -2.81 -14.25
CA LYS A 243 0.33 -3.57 -13.25
C LYS A 243 0.64 -2.70 -12.03
N VAL A 244 0.10 -3.06 -10.87
CA VAL A 244 0.28 -2.34 -9.61
C VAL A 244 1.39 -3.02 -8.80
N TYR A 245 2.44 -2.26 -8.44
CA TYR A 245 3.60 -2.77 -7.70
C TYR A 245 3.66 -2.38 -6.23
N SER A 246 4.08 -3.34 -5.40
CA SER A 246 4.31 -3.19 -3.97
C SER A 246 5.83 -3.17 -3.78
N ILE A 247 6.39 -1.98 -3.58
CA ILE A 247 7.82 -1.82 -3.43
C ILE A 247 8.26 -2.05 -1.98
N LYS A 248 9.00 -3.16 -1.80
CA LYS A 248 9.57 -3.63 -0.55
C LYS A 248 10.96 -4.11 -0.93
N CYS A 249 11.92 -4.18 0.03
CA CYS A 249 13.26 -4.67 -0.31
C CYS A 249 14.01 -5.23 0.90
N ARG A 250 14.86 -6.25 0.65
CA ARG A 250 15.60 -6.97 1.69
C ARG A 250 17.07 -6.54 1.76
N PHE A 251 17.40 -5.76 2.80
CA PHE A 251 18.78 -5.32 3.05
C PHE A 251 19.55 -6.37 3.85
N LYS A 252 18.99 -7.60 4.02
CA LYS A 252 19.64 -8.73 4.71
C LYS A 252 20.82 -9.15 3.84
N TYR A 253 20.59 -9.14 2.51
CA TYR A 253 21.53 -9.52 1.45
C TYR A 253 22.46 -8.37 1.00
N THR A 254 22.46 -7.22 1.71
CA THR A 254 23.34 -6.10 1.39
C THR A 254 24.74 -6.55 1.76
N PHE A 255 25.52 -6.88 0.74
CA PHE A 255 26.89 -7.37 0.86
C PHE A 255 27.91 -6.28 0.49
N ALA A 256 29.20 -6.56 0.70
CA ALA A 256 30.31 -5.70 0.34
C ALA A 256 31.21 -6.48 -0.64
N LYS A 257 31.73 -5.80 -1.68
CA LYS A 257 32.60 -6.38 -2.71
C LYS A 257 33.97 -6.75 -2.12
N MET A 258 34.02 -7.87 -1.37
CA MET A 258 35.21 -8.39 -0.69
C MET A 258 35.32 -9.91 -0.90
N GLU A 259 36.50 -10.41 -1.39
CA GLU A 259 36.79 -11.83 -1.66
C GLU A 259 36.22 -12.77 -0.59
N CYS A 260 36.39 -12.40 0.69
CA CYS A 260 35.95 -13.11 1.90
C CYS A 260 34.44 -13.30 1.99
N ASP A 261 33.66 -12.19 1.92
CA ASP A 261 32.20 -12.10 2.04
C ASP A 261 31.43 -13.30 1.45
N PRO A 262 30.54 -13.96 2.23
CA PRO A 262 29.82 -15.13 1.71
C PRO A 262 28.75 -14.78 0.68
N ILE A 263 27.99 -13.68 0.90
CA ILE A 263 26.93 -13.21 0.00
C ILE A 263 27.56 -12.76 -1.33
N TYR A 264 28.69 -12.01 -1.27
CA TYR A 264 29.40 -11.54 -2.46
C TYR A 264 29.87 -12.68 -3.33
N ALA A 265 30.36 -13.77 -2.69
CA ALA A 265 30.81 -14.97 -3.37
C ALA A 265 29.66 -15.60 -4.15
N ALA A 266 28.47 -15.71 -3.52
CA ALA A 266 27.29 -16.28 -4.14
C ALA A 266 26.77 -15.39 -5.27
N TYR A 267 26.80 -14.05 -5.07
CA TYR A 267 26.34 -13.06 -6.05
C TYR A 267 27.21 -13.08 -7.30
N GLN A 268 28.54 -13.21 -7.14
CA GLN A 268 29.49 -13.25 -8.25
C GLN A 268 29.18 -14.42 -9.17
N ARG A 269 28.83 -15.59 -8.57
CA ARG A 269 28.46 -16.81 -9.29
C ARG A 269 27.21 -16.54 -10.13
N LEU A 270 26.22 -15.83 -9.53
CA LEU A 270 24.95 -15.43 -10.15
C LEU A 270 25.18 -14.40 -11.26
N TYR A 271 26.08 -13.43 -11.04
CA TYR A 271 26.38 -12.37 -12.00
C TYR A 271 26.98 -12.88 -13.31
N GLU A 272 27.83 -13.92 -13.23
CA GLU A 272 28.46 -14.48 -14.42
C GLU A 272 27.84 -15.83 -14.86
N ALA A 273 26.75 -16.26 -14.19
CA ALA A 273 25.97 -17.46 -14.50
C ALA A 273 24.56 -17.35 -13.86
N PRO A 274 23.65 -16.50 -14.42
CA PRO A 274 22.32 -16.34 -13.81
C PRO A 274 21.36 -17.49 -14.08
N GLY A 275 20.87 -18.10 -13.01
CA GLY A 275 19.95 -19.22 -13.08
C GLY A 275 19.35 -19.60 -11.75
N LYS A 276 18.31 -20.47 -11.81
CA LYS A 276 17.54 -21.04 -10.71
C LYS A 276 18.47 -21.50 -9.58
N LEU A 277 19.52 -22.27 -9.93
CA LEU A 277 20.52 -22.83 -9.00
C LEU A 277 21.42 -21.75 -8.39
N ALA A 278 21.82 -20.75 -9.20
CA ALA A 278 22.66 -19.64 -8.72
C ALA A 278 21.94 -18.78 -7.70
N LEU A 279 20.60 -18.63 -7.86
CA LEU A 279 19.73 -17.88 -6.95
C LEU A 279 19.65 -18.57 -5.59
N LYS A 280 19.60 -19.94 -5.59
CA LYS A 280 19.53 -20.78 -4.40
C LYS A 280 20.76 -20.52 -3.52
N ASP A 281 21.94 -20.45 -4.14
CA ASP A 281 23.19 -20.16 -3.44
C ASP A 281 23.13 -18.74 -2.85
N PHE A 282 22.61 -17.76 -3.64
CA PHE A 282 22.47 -16.38 -3.19
C PHE A 282 21.55 -16.27 -1.97
N PHE A 283 20.36 -16.89 -2.04
CA PHE A 283 19.40 -16.86 -0.96
C PHE A 283 19.85 -17.59 0.29
N TYR A 284 20.52 -18.75 0.15
CA TYR A 284 20.97 -19.49 1.32
C TYR A 284 22.38 -19.09 1.78
N SER A 285 22.83 -17.87 1.38
CA SER A 285 24.14 -17.34 1.78
C SER A 285 24.08 -16.61 3.15
N ILE A 286 22.86 -16.50 3.72
CA ILE A 286 22.61 -15.88 5.03
C ILE A 286 21.87 -16.86 5.96
N SER A 287 21.92 -16.57 7.27
CA SER A 287 21.32 -17.38 8.34
C SER A 287 19.78 -17.34 8.41
N LYS A 288 19.13 -16.23 7.97
CA LYS A 288 17.66 -16.13 7.98
C LYS A 288 17.12 -15.79 6.55
N PRO A 289 17.01 -16.79 5.64
CA PRO A 289 16.67 -16.49 4.24
C PRO A 289 15.24 -16.04 3.93
N ALA A 290 15.14 -15.29 2.80
CA ALA A 290 13.90 -14.78 2.26
C ALA A 290 13.06 -15.92 1.64
N VAL A 291 13.71 -17.02 1.20
CA VAL A 291 12.99 -18.18 0.65
C VAL A 291 12.81 -19.25 1.72
N GLU A 292 11.70 -20.01 1.62
CA GLU A 292 11.34 -21.05 2.57
C GLU A 292 10.81 -22.29 1.82
N TYR A 293 11.14 -23.51 2.30
CA TYR A 293 10.63 -24.72 1.67
C TYR A 293 9.34 -25.20 2.36
N VAL A 294 8.36 -25.60 1.55
CA VAL A 294 7.07 -26.12 2.00
C VAL A 294 6.82 -27.43 1.25
N GLY A 295 6.46 -28.48 2.01
CA GLY A 295 6.22 -29.85 1.53
C GLY A 295 5.22 -30.01 0.40
N LEU A 296 4.06 -30.63 0.69
CA LEU A 296 3.00 -30.81 -0.30
C LEU A 296 1.91 -29.73 -0.06
N GLY A 297 2.35 -28.46 0.02
CA GLY A 297 1.54 -27.31 0.37
C GLY A 297 1.39 -27.24 1.88
N LYS A 298 2.29 -27.99 2.59
CA LYS A 298 2.44 -28.28 4.02
C LYS A 298 2.44 -27.08 5.02
N LEU A 299 2.15 -25.83 4.57
CA LEU A 299 2.04 -24.59 5.39
C LEU A 299 3.38 -23.91 5.71
N PRO A 300 3.50 -22.58 5.42
CA PRO A 300 4.76 -21.87 5.72
C PRO A 300 4.71 -21.15 7.08
N SER A 301 5.57 -20.13 7.27
CA SER A 301 5.62 -19.32 8.49
C SER A 301 5.83 -17.83 8.16
N GLU A 302 5.55 -16.94 9.13
CA GLU A 302 5.68 -15.49 8.95
C GLU A 302 7.15 -15.01 8.87
N SER A 303 8.06 -15.92 8.47
CA SER A 303 9.50 -15.69 8.29
C SER A 303 9.76 -14.60 7.26
N ASP A 304 9.41 -14.84 5.99
CA ASP A 304 9.60 -13.86 4.93
C ASP A 304 8.49 -13.93 3.86
N TYR A 305 8.64 -13.14 2.79
CA TYR A 305 7.66 -13.00 1.73
C TYR A 305 7.72 -14.07 0.65
N LEU A 306 8.89 -14.69 0.42
CA LEU A 306 9.02 -15.71 -0.60
C LEU A 306 8.99 -17.13 -0.05
N VAL A 307 8.51 -18.06 -0.88
CA VAL A 307 8.36 -19.48 -0.54
C VAL A 307 8.47 -20.37 -1.81
N ALA A 308 9.13 -21.54 -1.71
CA ALA A 308 9.31 -22.46 -2.83
C ALA A 308 8.87 -23.89 -2.48
N TYR A 309 8.15 -24.55 -3.40
CA TYR A 309 7.59 -25.89 -3.19
C TYR A 309 8.33 -26.98 -3.94
N ASP A 310 9.24 -26.61 -4.86
CA ASP A 310 10.05 -27.54 -5.65
C ASP A 310 11.19 -28.13 -4.83
N GLN A 311 11.56 -29.40 -5.11
CA GLN A 311 12.60 -30.16 -4.41
C GLN A 311 13.94 -29.40 -4.23
N GLU A 312 14.51 -28.85 -5.33
CA GLU A 312 15.79 -28.15 -5.37
C GLU A 312 15.99 -27.03 -4.30
N TRP A 313 14.89 -26.57 -3.67
CA TRP A 313 14.94 -25.51 -2.66
C TRP A 313 14.90 -26.02 -1.21
N GLU A 314 15.11 -27.34 -1.00
CA GLU A 314 15.11 -27.92 0.35
C GLU A 314 16.36 -27.47 1.11
N ALA A 315 16.14 -26.83 2.27
CA ALA A 315 17.23 -26.34 3.14
C ALA A 315 16.85 -26.34 4.62
N CYS A 316 17.82 -26.75 5.49
CA CYS A 316 17.70 -26.83 6.95
C CYS A 316 19.06 -26.63 7.60
N LEU A 326 -7.30 -20.06 11.33
CA LEU A 326 -7.77 -20.52 10.02
C LEU A 326 -6.63 -21.13 9.18
N HIS A 327 -6.71 -22.46 8.99
CA HIS A 327 -5.75 -23.28 8.25
C HIS A 327 -6.22 -23.45 6.79
N ASN A 328 -7.54 -23.66 6.59
CA ASN A 328 -8.21 -23.87 5.30
C ASN A 328 -8.03 -22.70 4.33
N LEU A 329 -8.11 -21.46 4.84
CA LEU A 329 -7.95 -20.24 4.04
C LEU A 329 -6.55 -20.17 3.43
N ILE A 330 -5.53 -20.61 4.20
CA ILE A 330 -4.13 -20.64 3.76
C ILE A 330 -3.99 -21.63 2.60
N ARG A 331 -4.63 -22.81 2.71
CA ARG A 331 -4.62 -23.86 1.68
C ARG A 331 -5.21 -23.38 0.35
N GLU A 332 -6.35 -22.66 0.40
CA GLU A 332 -7.04 -22.11 -0.78
C GLU A 332 -6.13 -21.13 -1.54
N CYS A 333 -5.40 -20.26 -0.80
CA CYS A 333 -4.48 -19.27 -1.37
C CYS A 333 -3.25 -19.90 -2.02
N ILE A 334 -2.66 -20.95 -1.39
CA ILE A 334 -1.48 -21.66 -1.90
C ILE A 334 -1.75 -22.24 -3.30
N LEU A 335 -2.95 -22.81 -3.49
CA LEU A 335 -3.42 -23.38 -4.76
C LEU A 335 -3.36 -22.37 -5.91
N HIS A 336 -3.71 -21.09 -5.63
CA HIS A 336 -3.75 -19.99 -6.59
C HIS A 336 -2.40 -19.34 -6.91
N ASN A 337 -1.45 -19.37 -5.97
CA ASN A 337 -0.15 -18.72 -6.12
C ASN A 337 1.00 -19.62 -6.58
N SER A 338 0.86 -20.95 -6.47
CA SER A 338 1.92 -21.90 -6.85
C SER A 338 2.13 -22.12 -8.37
N THR A 339 1.52 -21.30 -9.24
CA THR A 339 1.67 -21.49 -10.70
C THR A 339 2.56 -20.44 -11.38
N THR A 340 2.32 -19.13 -11.17
CA THR A 340 3.10 -18.08 -11.84
C THR A 340 4.46 -17.86 -11.16
N GLU A 341 5.55 -18.02 -11.95
CA GLU A 341 6.94 -17.86 -11.49
C GLU A 341 7.38 -16.41 -11.28
N SER A 342 8.34 -16.21 -10.36
CA SER A 342 8.90 -14.89 -10.05
C SER A 342 9.88 -14.48 -11.14
N ASP A 343 9.86 -13.19 -11.49
CA ASP A 343 10.72 -12.59 -12.50
C ASP A 343 11.97 -12.03 -11.82
N VAL A 344 13.16 -12.57 -12.16
CA VAL A 344 14.43 -12.17 -11.55
C VAL A 344 15.30 -11.34 -12.50
N TYR A 345 15.71 -10.13 -12.06
CA TYR A 345 16.52 -9.20 -12.83
C TYR A 345 17.92 -8.99 -12.25
N VAL A 346 18.96 -9.50 -12.95
CA VAL A 346 20.36 -9.33 -12.56
C VAL A 346 20.82 -7.98 -13.15
N LEU A 347 21.12 -7.00 -12.29
CA LEU A 347 21.54 -5.67 -12.73
C LEU A 347 23.02 -5.59 -12.96
N THR A 348 23.44 -4.85 -14.02
CA THR A 348 24.86 -4.65 -14.40
C THR A 348 25.61 -3.90 -13.29
N ASP A 349 26.91 -4.16 -13.12
CA ASP A 349 27.67 -3.45 -12.10
C ASP A 349 28.19 -2.10 -12.58
N PRO A 350 27.81 -0.98 -11.91
CA PRO A 350 28.26 0.35 -12.37
C PRO A 350 29.76 0.57 -12.34
N GLN A 351 30.49 -0.24 -11.56
CA GLN A 351 31.95 -0.20 -11.46
C GLN A 351 32.55 -0.77 -12.75
N ASP A 352 31.79 -1.65 -13.44
CA ASP A 352 32.19 -2.33 -14.68
C ASP A 352 31.56 -1.74 -15.94
N THR A 353 30.37 -1.11 -15.82
CA THR A 353 29.64 -0.55 -16.96
C THR A 353 29.60 0.99 -16.98
N ARG A 354 30.63 1.63 -16.39
CA ARG A 354 30.82 3.09 -16.31
C ARG A 354 29.58 3.84 -15.75
N GLY A 355 29.05 3.35 -14.63
CA GLY A 355 27.92 3.97 -13.92
C GLY A 355 26.52 3.60 -14.37
N GLN A 356 26.38 3.01 -15.58
CA GLN A 356 25.07 2.65 -16.13
C GLN A 356 24.54 1.29 -15.62
N ILE A 357 23.53 1.36 -14.75
CA ILE A 357 22.83 0.19 -14.20
C ILE A 357 21.66 -0.14 -15.13
N SER A 358 21.67 -1.36 -15.67
CA SER A 358 20.66 -1.88 -16.59
C SER A 358 20.53 -3.40 -16.41
N ILE A 359 19.50 -4.02 -17.03
CA ILE A 359 19.29 -5.47 -16.93
C ILE A 359 20.42 -6.21 -17.67
N LYS A 360 21.33 -6.85 -16.91
CA LYS A 360 22.42 -7.65 -17.48
C LYS A 360 21.81 -8.92 -18.00
N ALA A 361 20.98 -9.58 -17.16
CA ALA A 361 20.28 -10.81 -17.48
C ALA A 361 18.97 -10.89 -16.71
N ARG A 362 17.96 -11.53 -17.31
CA ARG A 362 16.63 -11.70 -16.73
C ARG A 362 16.18 -13.15 -16.91
N PHE A 363 15.73 -13.79 -15.83
CA PHE A 363 15.28 -15.20 -15.86
C PHE A 363 14.06 -15.46 -14.95
N LYS A 364 13.54 -16.72 -14.98
CA LYS A 364 12.38 -17.14 -14.17
C LYS A 364 12.80 -18.05 -13.01
N ALA A 365 12.22 -17.81 -11.82
CA ALA A 365 12.47 -18.59 -10.60
C ALA A 365 11.19 -19.15 -9.99
N ASN A 366 11.24 -20.42 -9.55
CA ASN A 366 10.09 -21.07 -8.91
C ASN A 366 9.96 -20.62 -7.46
N LEU A 367 9.76 -19.30 -7.28
CA LEU A 367 9.59 -18.65 -5.99
C LEU A 367 8.25 -17.95 -6.00
N PHE A 368 7.42 -18.29 -5.03
CA PHE A 368 6.06 -17.79 -4.92
C PHE A 368 5.85 -17.02 -3.63
N VAL A 369 4.78 -16.24 -3.58
CA VAL A 369 4.48 -15.42 -2.43
C VAL A 369 3.96 -16.27 -1.25
N ASN A 370 4.44 -15.93 -0.04
CA ASN A 370 4.07 -16.51 1.24
C ASN A 370 2.72 -15.87 1.59
N VAL A 371 1.66 -16.66 1.47
CA VAL A 371 0.28 -16.23 1.68
C VAL A 371 -0.05 -16.04 3.19
N ARG A 372 0.89 -16.39 4.08
CA ARG A 372 0.74 -16.18 5.53
C ARG A 372 1.36 -14.83 5.90
N HIS A 373 2.40 -14.40 5.15
CA HIS A 373 3.15 -13.16 5.37
C HIS A 373 2.33 -11.92 5.10
N SER A 374 2.60 -10.85 5.90
CA SER A 374 1.97 -9.53 5.86
C SER A 374 1.73 -9.03 4.46
N TYR A 375 2.80 -9.02 3.65
CA TYR A 375 2.83 -8.54 2.25
C TYR A 375 1.64 -9.00 1.44
N PHE A 376 1.26 -10.29 1.55
CA PHE A 376 0.12 -10.87 0.84
C PHE A 376 -1.18 -10.11 1.22
N TYR A 377 -1.41 -9.93 2.54
CA TYR A 377 -2.56 -9.22 3.12
C TYR A 377 -2.54 -7.72 2.78
N GLN A 378 -1.33 -7.12 2.72
CA GLN A 378 -1.10 -5.73 2.35
C GLN A 378 -1.54 -5.52 0.91
N VAL A 379 -1.09 -6.41 -0.01
CA VAL A 379 -1.43 -6.35 -1.44
C VAL A 379 -2.91 -6.71 -1.65
N LEU A 380 -3.48 -7.56 -0.77
CA LEU A 380 -4.89 -7.99 -0.78
C LEU A 380 -5.81 -6.80 -0.60
N LEU A 381 -5.56 -5.98 0.44
CA LEU A 381 -6.38 -4.79 0.70
C LEU A 381 -6.28 -3.81 -0.44
N GLN A 382 -5.05 -3.60 -0.96
CA GLN A 382 -4.76 -2.70 -2.08
C GLN A 382 -5.51 -3.15 -3.32
N SER A 383 -5.54 -4.48 -3.57
CA SER A 383 -6.23 -5.04 -4.73
C SER A 383 -7.73 -4.83 -4.64
N SER A 384 -8.28 -4.87 -3.40
CA SER A 384 -9.69 -4.70 -3.11
C SER A 384 -10.20 -3.28 -3.34
N ILE A 385 -9.39 -2.26 -2.99
CA ILE A 385 -9.76 -0.86 -3.17
C ILE A 385 -9.62 -0.48 -4.66
N VAL A 386 -8.56 -0.97 -5.35
CA VAL A 386 -8.38 -0.71 -6.79
C VAL A 386 -9.64 -1.20 -7.53
N GLU A 387 -10.13 -2.41 -7.19
CA GLU A 387 -11.35 -3.02 -7.74
C GLU A 387 -12.59 -2.11 -7.55
N GLU A 388 -12.71 -1.48 -6.35
CA GLU A 388 -13.80 -0.56 -5.98
C GLU A 388 -13.76 0.70 -6.83
N TYR A 389 -12.57 1.28 -7.03
CA TYR A 389 -12.36 2.48 -7.83
C TYR A 389 -12.56 2.20 -9.30
N ILE A 390 -12.50 0.93 -9.70
CA ILE A 390 -12.78 0.53 -11.07
C ILE A 390 -14.32 0.51 -11.23
N GLY A 391 -15.01 -0.39 -10.54
CA GLY A 391 -16.46 -0.52 -10.59
C GLY A 391 -17.18 0.37 -9.60
N SER A 401 -9.04 -7.14 -14.80
CA SER A 401 -8.49 -6.69 -13.53
C SER A 401 -6.96 -6.50 -13.59
N PRO A 402 -6.39 -5.49 -12.88
CA PRO A 402 -4.93 -5.31 -12.90
C PRO A 402 -4.17 -6.46 -12.26
N LYS A 403 -2.92 -6.65 -12.71
CA LYS A 403 -2.02 -7.68 -12.19
C LYS A 403 -1.22 -7.02 -11.06
N TYR A 404 -1.16 -7.68 -9.89
CA TYR A 404 -0.43 -7.14 -8.73
C TYR A 404 0.87 -7.91 -8.49
N TYR A 405 1.93 -7.20 -8.07
CA TYR A 405 3.26 -7.79 -7.86
C TYR A 405 4.00 -7.18 -6.67
N ILE A 406 4.93 -7.97 -6.08
CA ILE A 406 5.82 -7.50 -5.01
C ILE A 406 7.22 -7.35 -5.61
N ALA A 407 7.63 -6.09 -5.92
CA ALA A 407 8.95 -5.77 -6.46
C ALA A 407 9.90 -5.57 -5.29
N THR A 408 10.88 -6.50 -5.16
CA THR A 408 11.89 -6.53 -4.10
C THR A 408 13.27 -6.24 -4.65
N GLY A 409 13.91 -5.25 -4.03
CA GLY A 409 15.26 -4.85 -4.39
C GLY A 409 16.31 -5.49 -3.52
N PHE A 410 17.43 -5.86 -4.13
CA PHE A 410 18.58 -6.44 -3.45
C PHE A 410 19.76 -5.56 -3.83
N PHE A 411 20.52 -5.13 -2.80
CA PHE A 411 21.62 -4.17 -2.94
C PHE A 411 22.98 -4.71 -2.50
N ARG A 412 23.97 -3.80 -2.51
CA ARG A 412 25.36 -3.97 -2.05
C ARG A 412 25.88 -2.61 -1.54
N LYS A 413 26.78 -2.64 -0.55
CA LYS A 413 27.34 -1.40 -0.01
C LYS A 413 28.13 -0.66 -1.09
N ARG A 414 28.15 0.69 -1.02
CA ARG A 414 28.89 1.49 -1.98
C ARG A 414 30.33 1.51 -1.53
N GLY A 415 31.23 1.18 -2.46
CA GLY A 415 32.66 1.15 -2.20
C GLY A 415 33.36 2.45 -2.58
N TYR A 416 34.64 2.56 -2.22
CA TYR A 416 35.48 3.72 -2.53
C TYR A 416 35.74 3.81 -4.04
N GLN A 417 35.91 2.65 -4.69
CA GLN A 417 36.17 2.51 -6.12
C GLN A 417 34.88 2.57 -7.00
N ASP A 418 33.72 2.83 -6.37
CA ASP A 418 32.45 2.94 -7.08
C ASP A 418 32.24 4.36 -7.60
N PRO A 419 31.75 4.51 -8.85
CA PRO A 419 31.55 5.87 -9.41
C PRO A 419 30.59 6.72 -8.59
N VAL A 420 30.91 8.03 -8.49
CA VAL A 420 30.11 8.99 -7.73
C VAL A 420 28.76 9.23 -8.43
N ASN A 421 28.80 9.41 -9.76
CA ASN A 421 27.60 9.61 -10.59
C ASN A 421 27.21 8.31 -11.30
N CYS A 422 26.07 7.72 -10.88
CA CYS A 422 25.50 6.48 -11.43
C CYS A 422 24.15 6.75 -12.07
N THR A 423 23.81 5.99 -13.12
CA THR A 423 22.54 6.16 -13.82
C THR A 423 21.77 4.82 -13.92
N ILE A 424 20.51 4.86 -13.44
CA ILE A 424 19.56 3.75 -13.47
C ILE A 424 18.77 3.91 -14.78
N GLY A 425 19.30 3.33 -15.85
CA GLY A 425 18.72 3.41 -17.19
C GLY A 425 18.94 4.77 -17.82
N GLY A 426 18.13 5.75 -17.37
CA GLY A 426 18.18 7.14 -17.84
C GLY A 426 18.32 8.13 -16.70
N ASP A 427 17.67 7.86 -15.55
CA ASP A 427 17.69 8.71 -14.37
C ASP A 427 18.79 8.32 -13.39
N ALA A 428 19.43 9.32 -12.76
CA ALA A 428 20.55 9.18 -11.84
C ALA A 428 20.23 8.58 -10.45
N LEU A 429 21.26 8.00 -9.79
CA LEU A 429 21.23 7.39 -8.46
C LEU A 429 22.04 8.22 -7.45
N ASP A 430 21.46 8.44 -6.24
CA ASP A 430 22.06 9.20 -5.12
C ASP A 430 23.40 8.58 -4.65
N PRO A 431 24.48 9.39 -4.44
CA PRO A 431 25.76 8.80 -4.01
C PRO A 431 25.82 8.30 -2.55
N HIS A 432 24.78 8.59 -1.74
CA HIS A 432 24.71 8.13 -0.34
C HIS A 432 24.05 6.75 -0.23
N VAL A 433 23.08 6.47 -1.11
CA VAL A 433 22.34 5.21 -1.17
C VAL A 433 23.22 4.04 -1.68
N GLU A 434 22.85 2.79 -1.32
CA GLU A 434 23.53 1.53 -1.70
C GLU A 434 23.24 1.20 -3.17
N ILE A 435 24.16 0.48 -3.82
CA ILE A 435 24.02 0.12 -5.23
C ILE A 435 23.06 -1.06 -5.41
N PRO A 436 22.02 -0.93 -6.28
CA PRO A 436 21.13 -2.08 -6.51
C PRO A 436 21.76 -3.11 -7.42
N THR A 437 21.59 -4.40 -7.09
CA THR A 437 22.18 -5.51 -7.84
C THR A 437 21.15 -6.45 -8.41
N LEU A 438 20.01 -6.62 -7.70
CA LEU A 438 18.98 -7.55 -8.10
C LEU A 438 17.59 -7.01 -7.84
N LEU A 439 16.62 -7.48 -8.64
CA LEU A 439 15.22 -7.11 -8.52
C LEU A 439 14.37 -8.35 -8.75
N ILE A 440 13.52 -8.71 -7.77
CA ILE A 440 12.63 -9.87 -7.88
C ILE A 440 11.18 -9.44 -7.85
N VAL A 441 10.50 -9.67 -8.98
CA VAL A 441 9.09 -9.32 -9.18
C VAL A 441 8.20 -10.58 -9.02
N THR A 442 7.44 -10.62 -7.91
CA THR A 442 6.59 -11.74 -7.51
C THR A 442 5.09 -11.45 -7.71
N PRO A 443 4.41 -12.21 -8.63
CA PRO A 443 2.98 -11.98 -8.83
C PRO A 443 2.17 -12.45 -7.65
N VAL A 444 1.13 -11.69 -7.31
CA VAL A 444 0.21 -11.99 -6.20
C VAL A 444 -1.20 -12.19 -6.76
N TYR A 445 -1.81 -13.35 -6.43
CA TYR A 445 -3.15 -13.75 -6.86
C TYR A 445 -4.04 -13.96 -5.65
N PHE A 446 -5.28 -13.43 -5.69
CA PHE A 446 -6.22 -13.54 -4.56
C PHE A 446 -7.49 -14.31 -4.91
N PRO A 447 -7.74 -15.49 -4.27
CA PRO A 447 -9.00 -16.20 -4.54
C PRO A 447 -10.16 -15.39 -3.96
N ARG A 448 -11.23 -15.20 -4.76
CA ARG A 448 -12.40 -14.39 -4.39
C ARG A 448 -12.98 -14.76 -3.02
N GLY A 449 -13.27 -16.05 -2.83
CA GLY A 449 -13.83 -16.60 -1.59
C GLY A 449 -13.02 -16.22 -0.36
N ALA A 450 -11.68 -16.41 -0.44
CA ALA A 450 -10.74 -16.09 0.63
C ALA A 450 -10.67 -14.57 0.85
N LYS A 451 -10.61 -13.79 -0.24
CA LYS A 451 -10.54 -12.34 -0.19
C LYS A 451 -11.77 -11.77 0.55
N HIS A 452 -12.98 -12.28 0.19
CA HIS A 452 -14.27 -11.89 0.79
C HIS A 452 -14.32 -12.26 2.28
N ARG A 453 -13.86 -13.48 2.64
CA ARG A 453 -13.81 -13.98 4.02
C ARG A 453 -12.92 -13.10 4.91
N LEU A 454 -11.76 -12.65 4.38
CA LEU A 454 -10.79 -11.82 5.11
C LEU A 454 -11.30 -10.40 5.34
N LEU A 455 -11.84 -9.75 4.30
CA LEU A 455 -12.41 -8.40 4.38
C LEU A 455 -13.56 -8.34 5.38
N HIS A 456 -14.24 -9.49 5.58
CA HIS A 456 -15.35 -9.64 6.53
C HIS A 456 -14.80 -9.62 7.96
N GLN A 457 -13.79 -10.46 8.25
CA GLN A 457 -13.12 -10.56 9.55
C GLN A 457 -12.62 -9.18 10.00
N ALA A 458 -11.93 -8.45 9.10
CA ALA A 458 -11.40 -7.12 9.34
C ALA A 458 -12.54 -6.10 9.59
N ALA A 459 -13.66 -6.23 8.86
CA ALA A 459 -14.80 -5.33 9.02
C ALA A 459 -15.47 -5.51 10.38
N ASN A 460 -15.56 -6.78 10.86
CA ASN A 460 -16.13 -7.14 12.16
C ASN A 460 -15.26 -6.61 13.29
N PHE A 461 -13.92 -6.60 13.08
CA PHE A 461 -12.94 -6.07 14.03
C PHE A 461 -13.11 -4.55 14.13
N TRP A 462 -13.34 -3.88 12.97
CA TRP A 462 -13.58 -2.44 12.92
C TRP A 462 -14.90 -2.15 13.62
N SER A 463 -15.96 -2.95 13.33
CA SER A 463 -17.29 -2.84 13.92
C SER A 463 -17.25 -2.98 15.44
N ARG A 464 -16.49 -3.99 15.95
CA ARG A 464 -16.35 -4.23 17.38
C ARG A 464 -15.58 -3.09 18.07
N SER A 465 -14.43 -2.68 17.50
CA SER A 465 -13.59 -1.61 18.05
C SER A 465 -14.29 -0.23 18.03
N ALA A 466 -14.97 0.12 16.92
CA ALA A 466 -15.68 1.40 16.81
C ALA A 466 -16.83 1.53 17.81
N LYS A 467 -17.47 0.39 18.15
CA LYS A 467 -18.57 0.32 19.12
C LYS A 467 -18.04 0.38 20.55
N ASP A 468 -16.80 -0.10 20.78
CA ASP A 468 -16.16 -0.10 22.10
C ASP A 468 -15.49 1.25 22.40
N THR A 469 -14.73 1.79 21.42
CA THR A 469 -14.01 3.06 21.49
C THR A 469 -14.97 4.25 21.61
N PHE A 470 -16.10 4.22 20.86
CA PHE A 470 -17.11 5.26 20.88
C PHE A 470 -18.46 4.68 21.36
N PRO A 471 -18.67 4.60 22.70
CA PRO A 471 -19.93 4.00 23.21
C PRO A 471 -21.20 4.81 22.94
N TYR A 472 -21.10 6.15 23.01
CA TYR A 472 -22.20 7.11 22.81
C TYR A 472 -22.79 7.09 21.40
N ILE A 473 -21.98 6.75 20.37
CA ILE A 473 -22.45 6.68 18.99
C ILE A 473 -23.33 5.44 18.77
N LYS A 474 -24.60 5.69 18.37
CA LYS A 474 -25.58 4.65 18.09
C LYS A 474 -25.37 4.16 16.65
N TRP A 475 -24.22 3.50 16.42
CA TRP A 475 -23.78 2.96 15.13
C TRP A 475 -24.83 2.07 14.45
N ASP A 476 -25.06 2.33 13.16
CA ASP A 476 -25.97 1.57 12.32
C ASP A 476 -25.12 0.88 11.24
N PHE A 477 -24.70 -0.36 11.52
CA PHE A 477 -23.83 -1.13 10.62
C PHE A 477 -24.60 -1.97 9.60
N SER A 478 -25.94 -1.81 9.58
CA SER A 478 -26.84 -2.47 8.63
C SER A 478 -26.56 -1.93 7.21
N TYR A 479 -26.27 -0.60 7.11
CA TYR A 479 -25.90 0.09 5.87
C TYR A 479 -24.51 -0.36 5.42
N LEU A 480 -23.61 -0.56 6.41
CA LEU A 480 -22.23 -1.02 6.23
C LEU A 480 -22.22 -2.50 5.77
N SER A 481 -23.23 -3.30 6.19
CA SER A 481 -23.39 -4.72 5.88
C SER A 481 -23.24 -5.10 4.39
N ALA A 482 -23.45 -4.14 3.47
CA ALA A 482 -23.31 -4.32 2.02
C ALA A 482 -21.83 -4.54 1.62
N ASN A 483 -20.88 -3.87 2.33
CA ASN A 483 -19.45 -3.97 2.09
C ASN A 483 -18.70 -4.31 3.38
C ACT C . -1.12 2.39 3.68
O ACT C . -0.86 1.72 4.71
OXT ACT C . -0.91 2.02 2.49
CH3 ACT C . -1.76 3.80 3.85
#